data_8JYF
#
_entry.id   8JYF
#
_cell.length_a   44.172
_cell.length_b   67.895
_cell.length_c   134.622
_cell.angle_alpha   90.000
_cell.angle_beta   90.000
_cell.angle_gamma   90.000
#
_symmetry.space_group_name_H-M   'P 21 21 21'
#
loop_
_entity.id
_entity.type
_entity.pdbx_description
1 polymer 'Butyrophylin 3'
2 non-polymer 'SULFATE ION'
3 non-polymer 'DIMETHYLALLYL DIPHOSPHATE'
4 water water
#
_entity_poly.entity_id   1
_entity_poly.type   'polypeptide(L)'
_entity_poly.pdbx_seq_one_letter_code
;GAGAGARGEKSQAYAEWKKALFQPADVILDPNTANPILLVSDDQRSLQRADERQNLPDNPERFDWHYCVLGCKSFTSGRH
YWEVEVGDRKEWHIGVCQENVERKCWVKMTPENGFWTVGLTDGSKYRALSDPRTKLTVANPPQRVGVFLDYETGEVSFYN
AMDGSHIYTFPHTFFSGPLWPVFRILTLEPTALTICPA
;
_entity_poly.pdbx_strand_id   A,B
#
loop_
_chem_comp.id
_chem_comp.type
_chem_comp.name
_chem_comp.formula
DMA non-polymer 'DIMETHYLALLYL DIPHOSPHATE' 'C5 H12 O7 P2'
SO4 non-polymer 'SULFATE ION' 'O4 S -2'
#
# COMPACT_ATOMS: atom_id res chain seq x y z
N GLY A 8 20.80 -0.82 -0.68
CA GLY A 8 20.90 -0.36 -2.10
C GLY A 8 19.88 -1.09 -2.97
N GLU A 9 19.54 -2.34 -2.66
CA GLU A 9 18.64 -3.11 -3.56
C GLU A 9 17.23 -2.52 -3.51
N LYS A 10 16.69 -2.28 -2.31
CA LYS A 10 15.35 -1.65 -2.09
C LYS A 10 15.31 -0.28 -2.76
N SER A 11 16.30 0.57 -2.54
CA SER A 11 16.42 1.87 -3.24
C SER A 11 16.40 1.69 -4.74
N GLN A 12 17.16 0.73 -5.28
CA GLN A 12 17.26 0.53 -6.73
C GLN A 12 15.89 0.12 -7.25
N ALA A 13 15.21 -0.81 -6.58
CA ALA A 13 13.92 -1.33 -7.09
C ALA A 13 12.89 -0.19 -7.04
N TYR A 14 13.00 0.65 -6.01
CA TYR A 14 12.08 1.80 -5.88
C TYR A 14 12.28 2.73 -7.06
N ALA A 15 13.54 3.06 -7.39
CA ALA A 15 13.90 3.90 -8.54
C ALA A 15 13.37 3.29 -9.83
N GLU A 16 13.55 1.99 -10.06
CA GLU A 16 13.13 1.37 -11.34
C GLU A 16 11.59 1.31 -11.42
N TRP A 17 10.90 1.15 -10.29
CA TRP A 17 9.42 1.16 -10.28
C TRP A 17 8.90 2.54 -10.70
N LYS A 18 9.44 3.63 -10.13
CA LYS A 18 8.98 5.01 -10.43
C LYS A 18 9.19 5.23 -11.92
N LYS A 19 10.34 4.77 -12.44
CA LYS A 19 10.70 4.90 -13.88
C LYS A 19 9.79 4.08 -14.80
N ALA A 20 9.41 2.85 -14.47
CA ALA A 20 8.53 2.02 -15.33
C ALA A 20 7.14 2.65 -15.47
N LEU A 21 6.67 3.37 -14.44
CA LEU A 21 5.22 3.60 -14.31
C LEU A 21 4.89 5.08 -14.10
N PHE A 22 5.70 5.88 -13.39
CA PHE A 22 5.23 7.21 -12.91
C PHE A 22 6.04 8.33 -13.54
N GLN A 23 5.38 9.36 -14.08
CA GLN A 23 6.03 10.57 -14.64
C GLN A 23 6.50 11.43 -13.48
N PRO A 24 7.78 11.86 -13.42
CA PRO A 24 8.27 12.67 -12.31
C PRO A 24 7.64 14.06 -12.46
N ALA A 25 6.93 14.55 -11.46
CA ALA A 25 6.36 15.91 -11.49
C ALA A 25 7.37 16.86 -10.82
N ASP A 26 7.56 18.00 -11.48
CA ASP A 26 8.37 19.13 -10.97
C ASP A 26 7.38 20.09 -10.33
N VAL A 27 7.22 19.96 -9.02
CA VAL A 27 6.14 20.64 -8.27
C VAL A 27 6.76 21.87 -7.60
N ILE A 28 6.12 23.01 -7.82
CA ILE A 28 6.40 24.27 -7.10
C ILE A 28 5.13 24.77 -6.42
N LEU A 29 5.31 25.46 -5.30
CA LEU A 29 4.22 25.97 -4.46
C LEU A 29 3.69 27.26 -5.06
N ASP A 30 2.37 27.36 -5.09
CA ASP A 30 1.67 28.57 -5.56
C ASP A 30 1.36 29.49 -4.39
N PRO A 31 2.09 30.60 -4.21
CA PRO A 31 1.87 31.46 -3.04
C PRO A 31 0.48 32.10 -3.02
N ASN A 32 -0.16 32.24 -4.19
CA ASN A 32 -1.54 32.81 -4.28
C ASN A 32 -2.56 31.87 -3.58
N THR A 33 -2.25 30.58 -3.44
CA THR A 33 -3.17 29.62 -2.76
C THR A 33 -2.90 29.54 -1.26
N ALA A 34 -1.71 29.93 -0.82
CA ALA A 34 -1.19 29.68 0.56
C ALA A 34 -2.00 30.46 1.58
N ASN A 35 -2.50 29.75 2.58
CA ASN A 35 -3.04 30.35 3.81
C ASN A 35 -2.12 31.50 4.24
N PRO A 36 -2.69 32.63 4.71
CA PRO A 36 -1.87 33.79 5.10
C PRO A 36 -0.86 33.59 6.23
N ILE A 37 -0.96 32.50 7.01
CA ILE A 37 0.07 32.16 8.02
C ILE A 37 1.24 31.41 7.39
N LEU A 38 1.16 31.02 6.12
CA LEU A 38 2.28 30.26 5.50
C LEU A 38 3.20 31.23 4.75
N LEU A 39 4.48 30.88 4.71
CA LEU A 39 5.52 31.53 3.87
C LEU A 39 5.95 30.51 2.82
N VAL A 40 5.89 30.89 1.57
CA VAL A 40 6.47 30.10 0.46
C VAL A 40 7.82 30.70 0.10
N SER A 41 8.86 29.88 0.02
CA SER A 41 10.24 30.35 -0.32
C SER A 41 10.24 30.99 -1.70
N ASP A 42 11.21 31.87 -1.95
N ASP A 42 11.22 31.84 -1.95
CA ASP A 42 11.32 32.53 -3.28
CA ASP A 42 11.30 32.53 -3.27
C ASP A 42 11.46 31.46 -4.37
C ASP A 42 11.51 31.49 -4.38
N ASP A 43 12.15 30.35 -4.12
CA ASP A 43 12.31 29.29 -5.17
C ASP A 43 11.03 28.42 -5.25
N GLN A 44 10.04 28.67 -4.41
CA GLN A 44 8.71 28.01 -4.44
C GLN A 44 8.82 26.51 -4.15
N ARG A 45 9.88 26.05 -3.51
CA ARG A 45 10.01 24.63 -3.14
C ARG A 45 9.78 24.45 -1.66
N SER A 46 9.88 25.50 -0.83
CA SER A 46 9.92 25.34 0.63
C SER A 46 8.77 26.11 1.28
N LEU A 47 8.40 25.61 2.44
CA LEU A 47 7.18 26.07 3.15
C LEU A 47 7.53 26.26 4.63
N GLN A 48 7.15 27.40 5.19
CA GLN A 48 7.30 27.61 6.63
C GLN A 48 6.00 28.22 7.17
N ARG A 49 5.94 28.36 8.49
CA ARG A 49 4.77 28.95 9.17
C ARG A 49 5.21 30.18 9.95
N ALA A 50 4.38 31.19 9.93
CA ALA A 50 4.53 32.51 10.58
C ALA A 50 3.96 32.43 11.99
N ASP A 51 4.32 33.37 12.84
CA ASP A 51 3.75 33.40 14.22
C ASP A 51 2.26 33.76 14.16
N GLU A 52 1.83 34.50 13.16
CA GLU A 52 0.42 34.98 13.03
C GLU A 52 0.14 35.18 11.54
N ARG A 53 -1.13 35.33 11.20
CA ARG A 53 -1.52 35.55 9.79
C ARG A 53 -0.82 36.83 9.34
N GLN A 54 -0.29 36.81 8.13
CA GLN A 54 0.24 38.01 7.47
C GLN A 54 -0.93 38.67 6.73
N ASN A 55 -0.72 39.87 6.23
CA ASN A 55 -1.75 40.66 5.53
C ASN A 55 -1.65 40.29 4.05
N LEU A 56 -2.57 39.47 3.56
CA LEU A 56 -2.61 39.07 2.13
C LEU A 56 -4.01 39.32 1.59
N PRO A 57 -4.13 39.56 0.26
CA PRO A 57 -5.45 39.62 -0.40
C PRO A 57 -6.25 38.33 -0.17
N ASP A 58 -7.58 38.37 -0.04
CA ASP A 58 -8.39 37.12 0.09
C ASP A 58 -8.90 36.69 -1.30
N ASN A 59 -7.99 36.51 -2.26
CA ASN A 59 -8.36 35.96 -3.61
C ASN A 59 -9.03 34.59 -3.47
N PRO A 60 -9.89 34.19 -4.43
CA PRO A 60 -10.74 33.02 -4.25
C PRO A 60 -9.95 31.70 -4.10
N GLU A 61 -8.77 31.60 -4.70
CA GLU A 61 -7.94 30.39 -4.70
C GLU A 61 -7.32 30.17 -3.31
N ARG A 62 -7.20 31.19 -2.47
CA ARG A 62 -6.41 31.09 -1.22
C ARG A 62 -7.17 30.27 -0.19
N PHE A 63 -6.50 29.32 0.45
CA PHE A 63 -7.02 28.64 1.66
C PHE A 63 -7.05 29.62 2.83
N ASP A 64 -8.24 30.00 3.30
CA ASP A 64 -8.34 31.04 4.36
C ASP A 64 -8.33 30.37 5.75
N TRP A 65 -8.88 29.16 5.88
CA TRP A 65 -8.94 28.47 7.19
C TRP A 65 -7.76 27.51 7.32
N HIS A 66 -7.69 26.49 6.45
CA HIS A 66 -6.68 25.42 6.56
C HIS A 66 -5.29 25.95 6.18
N TYR A 67 -4.28 25.48 6.88
CA TYR A 67 -2.87 25.94 6.72
C TYR A 67 -2.29 25.20 5.52
N CYS A 68 -2.94 25.33 4.34
CA CYS A 68 -2.76 24.58 3.07
C CYS A 68 -2.14 25.51 2.02
N VAL A 69 -1.44 24.90 1.08
CA VAL A 69 -0.96 25.54 -0.15
C VAL A 69 -0.97 24.47 -1.23
N LEU A 70 -1.20 24.86 -2.48
CA LEU A 70 -1.21 23.93 -3.65
C LEU A 70 0.06 24.09 -4.48
N GLY A 71 0.34 23.09 -5.31
CA GLY A 71 1.24 23.18 -6.45
C GLY A 71 0.72 24.14 -7.51
N CYS A 72 1.56 24.42 -8.49
CA CYS A 72 1.26 25.38 -9.59
C CYS A 72 0.62 24.69 -10.80
N LYS A 73 0.60 23.37 -10.83
CA LYS A 73 0.06 22.56 -11.96
C LYS A 73 -0.83 21.46 -11.41
N SER A 74 -1.92 21.18 -12.11
CA SER A 74 -2.88 20.14 -11.74
C SER A 74 -2.69 18.92 -12.63
N PHE A 75 -3.33 17.83 -12.25
CA PHE A 75 -3.34 16.56 -13.01
C PHE A 75 -4.79 16.18 -13.26
N THR A 76 -5.10 15.91 -14.53
CA THR A 76 -6.44 15.45 -14.97
C THR A 76 -6.34 14.03 -15.51
N SER A 77 -5.14 13.46 -15.57
CA SER A 77 -4.92 12.12 -16.18
C SER A 77 -3.51 11.66 -15.86
N GLY A 78 -3.27 10.36 -15.90
CA GLY A 78 -1.94 9.76 -15.91
C GLY A 78 -1.38 9.48 -14.54
N ARG A 79 -0.15 8.98 -14.56
CA ARG A 79 0.58 8.49 -13.38
C ARG A 79 1.67 9.51 -13.11
N HIS A 80 1.72 9.98 -11.88
CA HIS A 80 2.63 11.08 -11.49
C HIS A 80 3.21 10.78 -10.11
N TYR A 81 4.45 11.19 -9.88
CA TYR A 81 5.01 11.19 -8.51
C TYR A 81 5.83 12.45 -8.27
N TRP A 82 5.96 12.78 -6.98
CA TRP A 82 6.89 13.78 -6.47
C TRP A 82 7.27 13.34 -5.08
N GLU A 83 8.41 13.88 -4.65
CA GLU A 83 8.99 13.55 -3.33
C GLU A 83 9.15 14.83 -2.50
N VAL A 84 8.97 14.68 -1.20
CA VAL A 84 8.93 15.81 -0.25
C VAL A 84 9.89 15.49 0.89
N GLU A 85 10.80 16.42 1.13
CA GLU A 85 11.71 16.32 2.29
C GLU A 85 11.00 16.88 3.50
N VAL A 86 10.51 15.98 4.34
CA VAL A 86 9.84 16.32 5.63
C VAL A 86 10.90 16.41 6.74
N GLY A 87 12.06 15.79 6.53
CA GLY A 87 13.16 15.85 7.51
C GLY A 87 12.69 15.49 8.91
N ASP A 88 13.20 16.20 9.92
N ASP A 88 13.19 16.23 9.92
CA ASP A 88 12.90 15.94 11.36
CA ASP A 88 12.96 15.99 11.36
C ASP A 88 11.72 16.80 11.79
C ASP A 88 11.64 16.65 11.79
N ARG A 89 10.82 17.19 10.87
CA ARG A 89 9.62 17.93 11.28
C ARG A 89 8.79 17.05 12.19
N LYS A 90 8.14 17.65 13.17
CA LYS A 90 7.29 16.94 14.14
C LYS A 90 5.87 16.84 13.65
N GLU A 91 5.54 17.57 12.58
CA GLU A 91 4.15 17.71 12.09
C GLU A 91 4.17 18.12 10.62
N TRP A 92 3.30 17.52 9.82
CA TRP A 92 3.10 17.85 8.40
C TRP A 92 1.98 16.96 7.87
N HIS A 93 1.32 17.40 6.80
CA HIS A 93 0.46 16.53 5.97
C HIS A 93 0.68 16.87 4.50
N ILE A 94 0.71 15.86 3.64
CA ILE A 94 0.86 16.11 2.18
C ILE A 94 -0.04 15.14 1.43
N GLY A 95 -0.35 15.47 0.20
CA GLY A 95 -1.08 14.54 -0.68
C GLY A 95 -1.61 15.29 -1.89
N VAL A 96 -2.87 15.04 -2.22
CA VAL A 96 -3.54 15.70 -3.37
C VAL A 96 -4.93 16.10 -2.90
N CYS A 97 -5.47 17.10 -3.56
CA CYS A 97 -6.88 17.46 -3.40
C CYS A 97 -7.46 17.91 -4.74
N GLN A 98 -8.77 17.79 -4.84
CA GLN A 98 -9.57 18.23 -6.00
C GLN A 98 -9.50 19.74 -6.10
N GLU A 99 -9.64 20.23 -7.32
CA GLU A 99 -9.74 21.68 -7.58
C GLU A 99 -10.95 22.28 -6.84
N ASN A 100 -12.01 21.52 -6.64
CA ASN A 100 -13.32 22.03 -6.15
C ASN A 100 -13.40 22.00 -4.62
N VAL A 101 -12.33 21.69 -3.88
CA VAL A 101 -12.38 21.64 -2.40
C VAL A 101 -12.82 23.03 -1.85
N GLU A 102 -13.49 23.01 -0.72
CA GLU A 102 -13.83 24.26 0.03
C GLU A 102 -12.53 24.92 0.49
N ARG A 103 -12.30 26.17 0.13
CA ARG A 103 -11.06 26.90 0.53
C ARG A 103 -11.31 27.92 1.65
N LYS A 104 -12.56 28.30 1.94
CA LYS A 104 -12.85 29.48 2.81
C LYS A 104 -13.40 28.99 4.16
N CYS A 105 -14.56 28.35 4.14
CA CYS A 105 -15.23 27.70 5.31
C CYS A 105 -14.34 26.53 5.76
N TRP A 106 -14.50 26.08 7.01
CA TRP A 106 -13.83 24.82 7.41
C TRP A 106 -14.56 23.66 6.73
N VAL A 107 -13.81 22.65 6.35
CA VAL A 107 -14.33 21.29 6.03
C VAL A 107 -13.32 20.30 6.60
N LYS A 108 -13.77 19.10 6.91
CA LYS A 108 -12.86 18.05 7.40
C LYS A 108 -12.02 17.59 6.19
N MET A 109 -10.71 17.44 6.35
CA MET A 109 -9.83 17.07 5.21
C MET A 109 -9.92 15.55 5.03
N THR A 110 -10.94 15.14 4.31
CA THR A 110 -11.26 13.72 4.05
C THR A 110 -11.45 13.50 2.56
N PRO A 111 -11.34 12.25 2.07
CA PRO A 111 -11.65 11.95 0.67
C PRO A 111 -13.05 12.39 0.25
N GLU A 112 -14.04 12.19 1.12
CA GLU A 112 -15.43 12.63 0.82
C GLU A 112 -15.43 14.13 0.47
N ASN A 113 -14.58 14.92 1.12
CA ASN A 113 -14.50 16.38 0.85
C ASN A 113 -13.42 16.72 -0.19
N GLY A 114 -12.79 15.73 -0.83
CA GLY A 114 -11.85 15.95 -1.95
C GLY A 114 -10.38 16.09 -1.53
N PHE A 115 -10.01 15.54 -0.39
CA PHE A 115 -8.62 15.55 0.13
C PHE A 115 -8.11 14.13 0.38
N TRP A 116 -6.90 13.86 -0.09
CA TRP A 116 -6.18 12.58 0.10
C TRP A 116 -4.82 12.92 0.68
N THR A 117 -4.69 12.91 2.01
CA THR A 117 -3.38 13.26 2.64
C THR A 117 -3.05 12.28 3.75
N VAL A 118 -1.76 12.13 4.00
CA VAL A 118 -1.22 11.47 5.20
C VAL A 118 -0.25 12.43 5.88
N GLY A 119 0.07 12.17 7.13
CA GLY A 119 1.09 12.97 7.81
C GLY A 119 1.38 12.50 9.20
N LEU A 120 1.86 13.46 9.97
CA LEU A 120 2.54 13.23 11.25
C LEU A 120 2.08 14.32 12.20
N THR A 121 1.85 13.94 13.45
N THR A 121 1.84 13.93 13.45
CA THR A 121 1.56 14.86 14.57
CA THR A 121 1.58 14.88 14.56
C THR A 121 2.40 14.44 15.78
C THR A 121 2.39 14.45 15.78
N ASP A 122 2.82 15.42 16.57
CA ASP A 122 3.40 15.18 17.92
C ASP A 122 4.66 14.36 17.75
N GLY A 123 5.35 14.48 16.60
CA GLY A 123 6.67 13.87 16.38
C GLY A 123 6.59 12.41 16.01
N SER A 124 5.56 11.65 16.42
CA SER A 124 5.58 10.17 16.31
C SER A 124 4.23 9.56 15.85
N LYS A 125 3.16 10.34 15.70
CA LYS A 125 1.82 9.79 15.37
C LYS A 125 1.60 9.95 13.87
N TYR A 126 1.84 8.89 13.11
CA TYR A 126 1.59 8.86 11.65
C TYR A 126 0.14 8.44 11.43
N ARG A 127 -0.57 9.18 10.59
CA ARG A 127 -2.01 8.96 10.30
C ARG A 127 -2.29 9.16 8.82
N ALA A 128 -3.17 8.36 8.26
CA ALA A 128 -3.84 8.67 6.99
C ALA A 128 -5.14 9.36 7.33
N LEU A 129 -5.46 10.45 6.63
CA LEU A 129 -6.68 11.24 6.88
C LEU A 129 -7.77 10.67 5.97
N SER A 130 -7.94 9.36 6.08
CA SER A 130 -9.18 8.64 5.75
C SER A 130 -10.25 9.07 6.77
N ASP A 131 -11.48 8.63 6.57
CA ASP A 131 -12.58 8.86 7.53
C ASP A 131 -13.29 7.53 7.78
N PRO A 132 -13.11 6.87 8.95
CA PRO A 132 -12.25 7.37 10.03
C PRO A 132 -10.75 7.36 9.68
N ARG A 133 -9.95 8.11 10.44
CA ARG A 133 -8.48 8.21 10.28
C ARG A 133 -7.83 6.84 10.51
N THR A 134 -6.83 6.51 9.69
CA THR A 134 -6.07 5.24 9.82
C THR A 134 -4.80 5.51 10.61
N LYS A 135 -4.59 4.74 11.67
CA LYS A 135 -3.35 4.81 12.47
C LYS A 135 -2.33 4.03 11.69
N LEU A 136 -1.24 4.68 11.34
CA LEU A 136 -0.16 4.05 10.57
C LEU A 136 0.87 3.54 11.57
N THR A 137 1.53 2.45 11.22
CA THR A 137 2.70 1.94 11.97
C THR A 137 3.90 2.03 11.03
N VAL A 138 4.88 2.83 11.40
CA VAL A 138 6.03 3.15 10.54
C VAL A 138 7.31 2.77 11.30
N ALA A 139 8.09 1.84 10.77
CA ALA A 139 9.21 1.21 11.50
C ALA A 139 10.38 2.20 11.57
N ASN A 140 10.60 2.97 10.52
CA ASN A 140 11.64 4.03 10.50
C ASN A 140 10.98 5.33 10.08
N PRO A 141 11.11 6.43 10.86
CA PRO A 141 10.46 7.70 10.48
C PRO A 141 11.04 8.17 9.16
N PRO A 142 10.22 8.41 8.13
CA PRO A 142 10.78 8.88 6.87
C PRO A 142 11.26 10.35 6.91
N GLN A 143 12.40 10.59 6.29
CA GLN A 143 12.97 11.93 6.05
C GLN A 143 12.39 12.47 4.74
N ARG A 144 12.06 11.56 3.83
CA ARG A 144 11.65 11.90 2.45
C ARG A 144 10.51 10.98 2.07
N VAL A 145 9.41 11.58 1.62
CA VAL A 145 8.16 10.86 1.32
C VAL A 145 7.86 11.04 -0.16
N GLY A 146 7.63 9.92 -0.86
CA GLY A 146 7.15 9.94 -2.23
C GLY A 146 5.64 9.87 -2.26
N VAL A 147 5.03 10.74 -3.07
CA VAL A 147 3.58 10.81 -3.29
C VAL A 147 3.32 10.30 -4.72
N PHE A 148 2.45 9.30 -4.87
CA PHE A 148 2.20 8.56 -6.12
C PHE A 148 0.72 8.67 -6.46
N LEU A 149 0.43 9.27 -7.60
CA LEU A 149 -0.94 9.44 -8.12
C LEU A 149 -1.11 8.63 -9.41
N ASP A 150 -2.17 7.82 -9.49
CA ASP A 150 -2.71 7.27 -10.77
C ASP A 150 -4.14 7.78 -10.94
N TYR A 151 -4.35 8.79 -11.76
CA TYR A 151 -5.64 9.49 -11.89
C TYR A 151 -6.72 8.47 -12.32
N GLU A 152 -6.43 7.70 -13.36
CA GLU A 152 -7.42 6.78 -14.01
C GLU A 152 -7.94 5.72 -13.03
N THR A 153 -7.10 5.16 -12.17
CA THR A 153 -7.56 4.09 -11.24
C THR A 153 -7.90 4.66 -9.87
N GLY A 154 -7.84 5.99 -9.72
CA GLY A 154 -8.15 6.64 -8.45
C GLY A 154 -7.23 6.19 -7.33
N GLU A 155 -5.94 6.19 -7.59
CA GLU A 155 -4.95 5.65 -6.64
C GLU A 155 -4.09 6.79 -6.10
N VAL A 156 -4.04 6.89 -4.78
CA VAL A 156 -3.09 7.82 -4.10
C VAL A 156 -2.30 6.96 -3.12
N SER A 157 -0.99 6.89 -3.29
CA SER A 157 -0.16 6.12 -2.35
C SER A 157 1.10 6.88 -1.94
N PHE A 158 1.75 6.41 -0.86
CA PHE A 158 2.88 7.11 -0.19
C PHE A 158 3.93 6.09 0.22
N TYR A 159 5.20 6.47 0.02
CA TYR A 159 6.39 5.64 0.26
C TYR A 159 7.46 6.43 1.01
N ASN A 160 8.28 5.71 1.77
CA ASN A 160 9.58 6.18 2.27
C ASN A 160 10.49 6.22 1.04
N ALA A 161 10.79 7.41 0.55
CA ALA A 161 11.54 7.63 -0.70
C ALA A 161 13.02 7.24 -0.53
N MET A 162 13.52 7.01 0.69
CA MET A 162 14.95 6.69 0.93
C MET A 162 15.19 5.16 0.97
N ASP A 163 14.24 4.35 1.46
CA ASP A 163 14.40 2.87 1.59
C ASP A 163 13.34 2.12 0.77
N GLY A 164 12.39 2.82 0.13
CA GLY A 164 11.35 2.21 -0.71
C GLY A 164 10.25 1.53 0.07
N SER A 165 10.23 1.59 1.40
CA SER A 165 9.13 0.96 2.16
C SER A 165 7.82 1.72 1.89
N HIS A 166 6.72 0.98 1.85
CA HIS A 166 5.39 1.54 1.59
C HIS A 166 4.84 2.16 2.86
N ILE A 167 4.17 3.29 2.76
CA ILE A 167 3.54 3.89 3.98
C ILE A 167 2.03 3.66 3.99
N TYR A 168 1.34 4.05 2.92
CA TYR A 168 -0.14 4.05 2.87
C TYR A 168 -0.63 4.16 1.43
N THR A 169 -1.69 3.40 1.14
CA THR A 169 -2.50 3.55 -0.09
C THR A 169 -3.95 3.80 0.30
N PHE A 170 -4.55 4.87 -0.20
CA PHE A 170 -5.99 5.10 0.00
C PHE A 170 -6.79 4.04 -0.77
N PRO A 171 -8.02 3.74 -0.35
CA PRO A 171 -8.87 2.92 -1.18
C PRO A 171 -8.94 3.56 -2.57
N HIS A 172 -8.93 2.74 -3.61
CA HIS A 172 -9.13 3.24 -4.98
C HIS A 172 -10.46 4.00 -5.00
N THR A 173 -10.51 5.11 -5.71
CA THR A 173 -11.71 5.97 -5.70
C THR A 173 -11.97 6.44 -7.12
N PHE A 174 -12.93 7.36 -7.27
CA PHE A 174 -13.24 8.07 -8.51
C PHE A 174 -13.00 9.56 -8.28
N PHE A 175 -12.05 10.13 -9.01
CA PHE A 175 -11.74 11.55 -8.85
C PHE A 175 -12.75 12.36 -9.64
N SER A 176 -13.05 13.55 -9.14
CA SER A 176 -13.85 14.54 -9.87
C SER A 176 -13.00 15.79 -10.16
N GLY A 177 -12.72 16.03 -11.43
CA GLY A 177 -12.01 17.24 -11.87
C GLY A 177 -10.50 17.10 -11.65
N PRO A 178 -9.76 18.20 -11.85
CA PRO A 178 -8.31 18.22 -11.65
C PRO A 178 -7.89 17.98 -10.21
N LEU A 179 -6.76 17.31 -10.03
CA LEU A 179 -6.11 17.13 -8.73
C LEU A 179 -4.91 18.05 -8.62
N TRP A 180 -4.70 18.56 -7.41
CA TRP A 180 -3.56 19.45 -7.09
C TRP A 180 -2.71 18.79 -6.01
N PRO A 181 -1.36 18.84 -6.10
CA PRO A 181 -0.52 18.58 -4.93
C PRO A 181 -0.93 19.56 -3.83
N VAL A 182 -1.07 19.05 -2.59
CA VAL A 182 -1.40 19.92 -1.46
C VAL A 182 -0.39 19.65 -0.34
N PHE A 183 -0.12 20.68 0.46
CA PHE A 183 0.87 20.63 1.57
C PHE A 183 0.29 21.42 2.73
N ARG A 184 0.45 20.91 3.94
CA ARG A 184 -0.18 21.48 5.15
C ARG A 184 0.82 21.37 6.30
N ILE A 185 1.11 22.48 6.96
CA ILE A 185 1.88 22.46 8.24
C ILE A 185 1.10 23.29 9.24
N LEU A 186 1.03 22.81 10.47
CA LEU A 186 0.25 23.50 11.51
C LEU A 186 1.18 24.17 12.55
N THR A 187 2.42 23.73 12.65
CA THR A 187 3.33 24.10 13.74
C THR A 187 4.35 25.13 13.26
N LEU A 188 4.90 25.85 14.25
CA LEU A 188 6.02 26.78 14.05
C LEU A 188 7.24 26.07 14.62
N GLU A 189 8.11 25.53 13.74
CA GLU A 189 9.24 24.70 14.16
C GLU A 189 10.39 24.93 13.19
N PRO A 190 11.65 24.59 13.56
CA PRO A 190 12.80 25.03 12.77
C PRO A 190 12.91 24.46 11.35
N THR A 191 12.45 23.23 11.14
CA THR A 191 12.64 22.53 9.85
C THR A 191 11.49 22.86 8.90
N ALA A 192 11.82 23.36 7.70
CA ALA A 192 10.83 23.66 6.66
C ALA A 192 10.32 22.34 6.05
N LEU A 193 9.23 22.41 5.32
CA LEU A 193 8.80 21.34 4.39
C LEU A 193 9.35 21.72 3.01
N THR A 194 10.04 20.84 2.32
CA THR A 194 10.75 21.17 1.04
C THR A 194 10.48 20.12 -0.02
N ILE A 195 10.05 20.54 -1.20
CA ILE A 195 9.80 19.65 -2.35
C ILE A 195 11.15 19.31 -2.96
N CYS A 196 11.39 18.02 -3.25
CA CYS A 196 12.56 17.61 -4.05
C CYS A 196 12.29 17.92 -5.51
N PRO A 197 13.19 18.64 -6.21
CA PRO A 197 13.05 18.87 -7.65
C PRO A 197 13.07 17.54 -8.41
N ALA A 198 12.32 17.47 -9.51
CA ALA A 198 12.28 16.35 -10.48
C ALA A 198 13.72 16.01 -10.93
N GLY B 8 -20.70 -0.33 -2.50
CA GLY B 8 -20.75 1.07 -2.95
C GLY B 8 -19.56 1.44 -3.82
N GLU B 9 -19.15 2.70 -3.72
CA GLU B 9 -18.19 3.36 -4.64
C GLU B 9 -16.82 2.71 -4.48
N LYS B 10 -16.46 2.37 -3.25
CA LYS B 10 -15.08 1.89 -2.98
C LYS B 10 -14.95 0.50 -3.62
N SER B 11 -15.95 -0.36 -3.49
CA SER B 11 -16.02 -1.68 -4.17
C SER B 11 -15.95 -1.51 -5.69
N GLN B 12 -16.74 -0.60 -6.25
CA GLN B 12 -16.72 -0.38 -7.72
C GLN B 12 -15.32 0.04 -8.17
N ALA B 13 -14.70 0.99 -7.49
CA ALA B 13 -13.37 1.50 -7.87
C ALA B 13 -12.30 0.41 -7.74
N TYR B 14 -12.41 -0.45 -6.72
CA TYR B 14 -11.53 -1.64 -6.54
C TYR B 14 -11.70 -2.58 -7.74
N ALA B 15 -12.94 -2.89 -8.13
CA ALA B 15 -13.25 -3.71 -9.33
C ALA B 15 -12.64 -3.07 -10.58
N GLU B 16 -12.79 -1.75 -10.76
CA GLU B 16 -12.38 -1.10 -12.02
C GLU B 16 -10.85 -1.10 -12.08
N TRP B 17 -10.21 -0.95 -10.92
CA TRP B 17 -8.72 -0.87 -10.88
C TRP B 17 -8.15 -2.24 -11.24
N LYS B 18 -8.64 -3.28 -10.61
CA LYS B 18 -8.03 -4.62 -10.81
C LYS B 18 -8.26 -5.04 -12.28
N LYS B 19 -9.43 -4.74 -12.81
CA LYS B 19 -9.76 -5.01 -14.23
C LYS B 19 -8.84 -4.22 -15.17
N ALA B 20 -8.53 -2.95 -14.84
CA ALA B 20 -7.79 -2.04 -15.74
C ALA B 20 -6.33 -2.51 -15.88
N LEU B 21 -5.75 -3.06 -14.81
CA LEU B 21 -4.28 -3.23 -14.72
C LEU B 21 -3.83 -4.67 -14.48
N PHE B 22 -4.66 -5.56 -13.92
CA PHE B 22 -4.17 -6.89 -13.48
C PHE B 22 -4.89 -8.01 -14.24
N GLN B 23 -4.13 -8.98 -14.76
CA GLN B 23 -4.69 -10.22 -15.38
C GLN B 23 -5.34 -11.05 -14.28
N PRO B 24 -6.63 -11.37 -14.41
CA PRO B 24 -7.31 -12.20 -13.43
C PRO B 24 -6.78 -13.64 -13.50
N ALA B 25 -6.12 -14.08 -12.43
CA ALA B 25 -5.65 -15.47 -12.30
C ALA B 25 -6.80 -16.36 -11.82
N ASP B 26 -6.89 -17.50 -12.48
CA ASP B 26 -7.76 -18.61 -12.04
C ASP B 26 -6.86 -19.64 -11.39
N VAL B 27 -6.82 -19.60 -10.07
CA VAL B 27 -5.81 -20.34 -9.28
C VAL B 27 -6.49 -21.58 -8.69
N ILE B 28 -5.82 -22.73 -8.87
CA ILE B 28 -6.19 -24.00 -8.21
C ILE B 28 -4.95 -24.56 -7.49
N LEU B 29 -5.22 -25.20 -6.36
CA LEU B 29 -4.17 -25.78 -5.48
C LEU B 29 -3.64 -27.05 -6.12
N ASP B 30 -2.33 -27.22 -6.05
CA ASP B 30 -1.63 -28.40 -6.60
C ASP B 30 -1.39 -29.34 -5.42
N PRO B 31 -2.22 -30.40 -5.24
CA PRO B 31 -2.06 -31.30 -4.09
C PRO B 31 -0.69 -31.99 -4.04
N ASN B 32 0.00 -32.13 -5.18
CA ASN B 32 1.35 -32.73 -5.30
C ASN B 32 2.40 -31.90 -4.53
N THR B 33 2.15 -30.59 -4.36
CA THR B 33 3.10 -29.71 -3.65
C THR B 33 2.77 -29.63 -2.15
N ALA B 34 1.58 -30.06 -1.73
CA ALA B 34 1.03 -29.73 -0.40
C ALA B 34 1.76 -30.52 0.67
N ASN B 35 2.14 -29.81 1.73
CA ASN B 35 2.68 -30.47 2.94
C ASN B 35 1.70 -31.59 3.28
N PRO B 36 2.18 -32.77 3.69
CA PRO B 36 1.28 -33.88 4.04
C PRO B 36 0.20 -33.62 5.10
N ILE B 37 0.29 -32.54 5.87
CA ILE B 37 -0.74 -32.29 6.92
C ILE B 37 -1.91 -31.51 6.29
N LEU B 38 -1.79 -31.08 5.05
CA LEU B 38 -2.83 -30.26 4.37
C LEU B 38 -3.80 -31.18 3.62
N LEU B 39 -5.05 -30.76 3.52
CA LEU B 39 -6.12 -31.40 2.72
C LEU B 39 -6.53 -30.43 1.63
N VAL B 40 -6.33 -30.82 0.39
CA VAL B 40 -6.78 -30.04 -0.79
C VAL B 40 -8.08 -30.64 -1.29
N SER B 41 -9.10 -29.79 -1.42
CA SER B 41 -10.45 -30.21 -1.88
C SER B 41 -10.37 -30.82 -3.29
N ASP B 42 -11.36 -31.64 -3.66
N ASP B 42 -11.39 -31.64 -3.60
CA ASP B 42 -11.36 -32.31 -4.99
CA ASP B 42 -11.52 -32.35 -4.91
C ASP B 42 -11.34 -31.25 -6.09
C ASP B 42 -11.41 -31.31 -6.05
N ASP B 43 -12.11 -30.18 -5.91
CA ASP B 43 -12.20 -29.07 -6.90
C ASP B 43 -10.94 -28.17 -6.86
N GLN B 44 -10.00 -28.44 -5.96
CA GLN B 44 -8.67 -27.75 -5.84
C GLN B 44 -8.84 -26.26 -5.52
N ARG B 45 -9.98 -25.85 -5.01
CA ARG B 45 -10.20 -24.45 -4.57
C ARG B 45 -9.99 -24.25 -3.08
N SER B 46 -10.11 -25.31 -2.27
CA SER B 46 -10.24 -25.20 -0.80
C SER B 46 -9.12 -25.96 -0.08
N LEU B 47 -8.71 -25.39 1.06
CA LEU B 47 -7.55 -25.88 1.83
C LEU B 47 -7.98 -26.03 3.29
N GLN B 48 -7.72 -27.21 3.83
CA GLN B 48 -7.87 -27.46 5.29
C GLN B 48 -6.62 -28.19 5.79
N ARG B 49 -6.50 -28.29 7.10
CA ARG B 49 -5.42 -29.00 7.79
C ARG B 49 -5.98 -30.30 8.38
N ALA B 50 -5.25 -31.38 8.21
CA ALA B 50 -5.59 -32.66 8.85
C ALA B 50 -5.19 -32.60 10.32
N ASP B 51 -5.69 -33.55 11.12
CA ASP B 51 -5.29 -33.71 12.55
C ASP B 51 -3.79 -33.96 12.59
N GLU B 52 -3.35 -34.87 11.73
CA GLU B 52 -1.95 -35.36 11.73
C GLU B 52 -1.49 -35.50 10.29
N ARG B 53 -0.18 -35.46 10.07
CA ARG B 53 0.43 -35.69 8.75
C ARG B 53 -0.14 -36.96 8.14
N GLN B 54 -0.58 -36.87 6.91
CA GLN B 54 -0.98 -38.07 6.12
C GLN B 54 0.31 -38.76 5.66
N ASN B 55 0.22 -40.04 5.31
CA ASN B 55 1.33 -40.79 4.66
C ASN B 55 1.25 -40.47 3.16
N LEU B 56 2.10 -39.58 2.67
CA LEU B 56 2.09 -39.20 1.22
C LEU B 56 3.53 -39.28 0.77
N PRO B 57 3.79 -39.51 -0.53
CA PRO B 57 5.17 -39.56 -1.01
C PRO B 57 5.89 -38.22 -0.90
N ASP B 58 7.16 -38.29 -0.48
CA ASP B 58 8.05 -37.10 -0.33
C ASP B 58 8.71 -36.86 -1.70
N ASN B 59 7.89 -36.64 -2.72
CA ASN B 59 8.40 -36.29 -4.06
C ASN B 59 9.07 -34.92 -3.95
N PRO B 60 10.00 -34.59 -4.85
CA PRO B 60 10.75 -33.33 -4.72
C PRO B 60 9.93 -32.04 -4.64
N GLU B 61 8.83 -31.96 -5.38
CA GLU B 61 7.99 -30.74 -5.43
C GLU B 61 7.21 -30.51 -4.12
N ARG B 62 7.12 -31.48 -3.22
CA ARG B 62 6.22 -31.37 -2.05
C ARG B 62 6.93 -30.58 -0.93
N PHE B 63 6.23 -29.63 -0.33
CA PHE B 63 6.71 -28.94 0.91
C PHE B 63 6.68 -29.94 2.06
N ASP B 64 7.82 -30.18 2.68
CA ASP B 64 7.91 -31.19 3.75
C ASP B 64 8.04 -30.52 5.12
N TRP B 65 8.47 -29.26 5.20
CA TRP B 65 8.67 -28.53 6.48
C TRP B 65 7.52 -27.53 6.70
N HIS B 66 7.42 -26.53 5.85
CA HIS B 66 6.35 -25.52 5.94
C HIS B 66 5.03 -26.17 5.53
N TYR B 67 3.96 -25.75 6.19
CA TYR B 67 2.58 -26.20 5.92
C TYR B 67 2.03 -25.41 4.72
N CYS B 68 2.71 -25.52 3.58
CA CYS B 68 2.45 -24.74 2.36
C CYS B 68 1.93 -25.66 1.25
N VAL B 69 1.22 -25.05 0.31
CA VAL B 69 0.77 -25.63 -0.98
C VAL B 69 0.91 -24.51 -2.02
N LEU B 70 1.19 -24.89 -3.27
CA LEU B 70 1.30 -23.95 -4.41
C LEU B 70 0.04 -24.05 -5.28
N GLY B 71 -0.16 -23.03 -6.11
CA GLY B 71 -1.06 -23.12 -7.25
C GLY B 71 -0.49 -24.03 -8.32
N CYS B 72 -1.29 -24.29 -9.37
CA CYS B 72 -0.91 -25.14 -10.52
C CYS B 72 -0.22 -24.32 -11.64
N LYS B 73 -0.14 -23.01 -11.51
CA LYS B 73 0.52 -22.15 -12.52
C LYS B 73 1.32 -21.06 -11.85
N SER B 74 2.45 -20.78 -12.43
CA SER B 74 3.43 -19.76 -12.01
C SER B 74 3.36 -18.56 -12.93
N PHE B 75 3.99 -17.46 -12.51
CA PHE B 75 4.08 -16.20 -13.27
C PHE B 75 5.56 -15.86 -13.44
N THR B 76 6.00 -15.66 -14.69
CA THR B 76 7.38 -15.20 -14.99
C THR B 76 7.34 -13.78 -15.54
N SER B 77 6.15 -13.25 -15.81
CA SER B 77 5.95 -11.85 -16.25
C SER B 77 4.52 -11.39 -15.96
N GLY B 78 4.29 -10.09 -16.05
CA GLY B 78 2.94 -9.54 -16.04
C GLY B 78 2.39 -9.23 -14.66
N ARG B 79 1.24 -8.59 -14.69
CA ARG B 79 0.43 -8.26 -13.50
C ARG B 79 -0.72 -9.25 -13.38
N HIS B 80 -0.89 -9.82 -12.19
CA HIS B 80 -1.89 -10.88 -11.95
C HIS B 80 -2.53 -10.61 -10.61
N TYR B 81 -3.80 -10.99 -10.45
CA TYR B 81 -4.43 -10.94 -9.15
C TYR B 81 -5.33 -12.16 -9.00
N TRP B 82 -5.55 -12.50 -7.74
CA TRP B 82 -6.56 -13.50 -7.35
C TRP B 82 -7.03 -13.18 -5.94
N GLU B 83 -8.20 -13.68 -5.59
CA GLU B 83 -8.83 -13.38 -4.31
C GLU B 83 -9.10 -14.71 -3.61
N VAL B 84 -8.96 -14.67 -2.29
CA VAL B 84 -9.06 -15.83 -1.39
C VAL B 84 -10.10 -15.51 -0.31
N GLU B 85 -11.08 -16.38 -0.13
CA GLU B 85 -12.07 -16.25 0.97
C GLU B 85 -11.42 -16.80 2.23
N VAL B 86 -10.93 -15.92 3.10
CA VAL B 86 -10.33 -16.31 4.39
C VAL B 86 -11.48 -16.41 5.41
N GLY B 87 -12.64 -15.82 5.14
CA GLY B 87 -13.76 -15.74 6.11
C GLY B 87 -13.30 -15.47 7.55
N ASP B 88 -13.76 -16.24 8.56
CA ASP B 88 -13.42 -16.03 9.99
C ASP B 88 -12.24 -16.93 10.46
N ARG B 89 -11.57 -17.61 9.55
CA ARG B 89 -10.41 -18.45 9.94
C ARG B 89 -9.43 -17.61 10.74
N LYS B 90 -8.98 -18.11 11.90
CA LYS B 90 -8.17 -17.34 12.89
C LYS B 90 -6.67 -17.33 12.54
N GLU B 91 -6.24 -18.15 11.58
CA GLU B 91 -4.82 -18.31 11.21
C GLU B 91 -4.75 -18.69 9.71
N TRP B 92 -3.87 -18.01 8.97
CA TRP B 92 -3.64 -18.21 7.52
C TRP B 92 -2.56 -17.25 7.07
N HIS B 93 -1.69 -17.68 6.15
CA HIS B 93 -0.79 -16.75 5.41
C HIS B 93 -0.85 -17.07 3.92
N ILE B 94 -0.84 -16.05 3.08
CA ILE B 94 -0.99 -16.21 1.60
C ILE B 94 -0.08 -15.21 0.95
N GLY B 95 0.26 -15.51 -0.30
CA GLY B 95 1.08 -14.62 -1.12
C GLY B 95 1.64 -15.36 -2.29
N VAL B 96 2.92 -15.13 -2.56
CA VAL B 96 3.66 -15.76 -3.67
C VAL B 96 5.00 -16.22 -3.11
N CYS B 97 5.57 -17.22 -3.73
CA CYS B 97 6.97 -17.63 -3.49
C CYS B 97 7.66 -18.06 -4.77
N GLN B 98 8.97 -18.01 -4.76
CA GLN B 98 9.80 -18.37 -5.91
C GLN B 98 9.77 -19.89 -6.08
N GLU B 99 9.98 -20.32 -7.33
CA GLU B 99 10.06 -21.75 -7.69
C GLU B 99 11.21 -22.36 -6.88
N ASN B 100 12.26 -21.59 -6.63
CA ASN B 100 13.55 -22.11 -6.08
C ASN B 100 13.59 -22.09 -4.55
N VAL B 101 12.47 -21.84 -3.85
CA VAL B 101 12.49 -21.84 -2.35
C VAL B 101 12.93 -23.20 -1.84
N GLU B 102 13.48 -23.21 -0.63
CA GLU B 102 13.76 -24.48 0.10
C GLU B 102 12.41 -25.10 0.51
N ARG B 103 12.08 -26.29 -0.01
CA ARG B 103 10.76 -26.93 0.32
C ARG B 103 10.93 -28.03 1.38
N LYS B 104 12.16 -28.46 1.69
CA LYS B 104 12.37 -29.68 2.52
C LYS B 104 12.87 -29.28 3.92
N CYS B 105 13.84 -28.38 3.98
CA CYS B 105 14.56 -27.97 5.22
C CYS B 105 13.89 -26.74 5.82
N TRP B 106 14.13 -26.54 7.10
CA TRP B 106 13.67 -25.33 7.81
C TRP B 106 14.31 -24.12 7.12
N VAL B 107 13.50 -23.15 6.72
CA VAL B 107 13.95 -21.78 6.36
C VAL B 107 12.87 -20.84 6.88
N LYS B 108 13.22 -19.58 7.10
CA LYS B 108 12.23 -18.60 7.55
C LYS B 108 11.52 -18.10 6.31
N MET B 109 10.19 -17.99 6.35
CA MET B 109 9.44 -17.47 5.19
C MET B 109 9.57 -15.95 5.16
N THR B 110 10.51 -15.47 4.37
CA THR B 110 10.92 -14.04 4.22
C THR B 110 11.19 -13.78 2.75
N PRO B 111 11.11 -12.51 2.32
CA PRO B 111 11.48 -12.17 0.95
C PRO B 111 12.91 -12.60 0.63
N GLU B 112 13.87 -12.50 1.56
CA GLU B 112 15.26 -12.93 1.28
C GLU B 112 15.26 -14.41 0.89
N ASN B 113 14.36 -15.21 1.45
CA ASN B 113 14.28 -16.68 1.23
C ASN B 113 13.26 -17.00 0.11
N GLY B 114 12.70 -15.98 -0.55
CA GLY B 114 11.82 -16.16 -1.72
C GLY B 114 10.34 -16.29 -1.39
N PHE B 115 9.87 -15.75 -0.28
CA PHE B 115 8.43 -15.73 0.06
C PHE B 115 7.96 -14.31 0.36
N TRP B 116 6.84 -13.92 -0.25
CA TRP B 116 6.13 -12.64 0.00
C TRP B 116 4.73 -13.00 0.48
N THR B 117 4.52 -13.03 1.78
CA THR B 117 3.21 -13.46 2.37
C THR B 117 2.82 -12.55 3.52
N VAL B 118 1.51 -12.45 3.70
CA VAL B 118 0.91 -11.75 4.87
C VAL B 118 -0.17 -12.66 5.45
N GLY B 119 -0.61 -12.37 6.66
CA GLY B 119 -1.77 -13.12 7.19
C GLY B 119 -2.01 -12.86 8.65
N LEU B 120 -2.71 -13.84 9.24
CA LEU B 120 -3.38 -13.70 10.54
C LEU B 120 -2.91 -14.83 11.47
N THR B 121 -2.68 -14.49 12.73
CA THR B 121 -2.40 -15.44 13.82
C THR B 121 -3.37 -15.16 14.98
N ASP B 122 -3.92 -16.22 15.58
N ASP B 122 -3.87 -16.22 15.62
CA ASP B 122 -4.64 -16.17 16.90
CA ASP B 122 -4.61 -16.09 16.91
C ASP B 122 -5.89 -15.28 16.81
C ASP B 122 -5.71 -15.04 16.72
N GLY B 123 -6.47 -15.13 15.61
CA GLY B 123 -7.70 -14.34 15.41
C GLY B 123 -7.51 -12.86 15.14
N SER B 124 -6.47 -12.20 15.67
CA SER B 124 -6.38 -10.72 15.70
C SER B 124 -5.02 -10.17 15.30
N LYS B 125 -3.97 -10.98 15.16
CA LYS B 125 -2.59 -10.45 14.94
C LYS B 125 -2.26 -10.58 13.43
N TYR B 126 -2.50 -9.51 12.69
CA TYR B 126 -2.12 -9.44 11.26
C TYR B 126 -0.63 -9.13 11.18
N ARG B 127 0.10 -9.80 10.30
CA ARG B 127 1.53 -9.53 10.06
C ARG B 127 1.81 -9.59 8.57
N ALA B 128 2.83 -8.85 8.15
CA ALA B 128 3.56 -9.13 6.89
C ALA B 128 4.78 -9.95 7.28
N LEU B 129 5.09 -10.98 6.51
CA LEU B 129 6.18 -11.90 6.88
C LEU B 129 7.43 -11.35 6.18
N SER B 130 7.68 -10.07 6.44
CA SER B 130 8.99 -9.40 6.27
C SER B 130 9.94 -9.92 7.35
N ASP B 131 11.21 -9.55 7.23
CA ASP B 131 12.27 -9.89 8.20
C ASP B 131 12.83 -8.59 8.73
N PRO B 132 12.58 -8.23 10.01
CA PRO B 132 11.67 -8.96 10.88
C PRO B 132 10.20 -8.73 10.51
N ARG B 133 9.30 -9.50 11.12
CA ARG B 133 7.84 -9.41 10.86
C ARG B 133 7.36 -7.97 11.06
N THR B 134 6.41 -7.52 10.24
CA THR B 134 5.75 -6.20 10.31
C THR B 134 4.38 -6.41 10.96
N LYS B 135 4.14 -5.88 12.16
CA LYS B 135 2.80 -5.95 12.78
C LYS B 135 1.89 -5.01 12.00
N LEU B 136 0.76 -5.49 11.54
CA LEU B 136 -0.19 -4.66 10.78
C LEU B 136 -1.27 -4.20 11.75
N THR B 137 -1.89 -3.08 11.40
CA THR B 137 -3.11 -2.54 12.06
C THR B 137 -4.22 -2.61 11.01
N VAL B 138 -5.23 -3.42 11.24
CA VAL B 138 -6.34 -3.64 10.29
C VAL B 138 -7.64 -3.28 11.01
N ALA B 139 -8.25 -2.15 10.64
CA ALA B 139 -9.44 -1.61 11.33
C ALA B 139 -10.62 -2.55 11.08
N ASN B 140 -10.72 -3.11 9.88
CA ASN B 140 -11.76 -4.10 9.51
C ASN B 140 -11.13 -5.40 9.03
N PRO B 141 -11.23 -6.48 9.84
CA PRO B 141 -10.78 -7.82 9.45
C PRO B 141 -11.33 -8.27 8.10
N PRO B 142 -10.46 -8.56 7.12
CA PRO B 142 -10.93 -9.01 5.82
C PRO B 142 -11.56 -10.41 5.87
N GLN B 143 -12.65 -10.59 5.13
CA GLN B 143 -13.30 -11.88 4.81
C GLN B 143 -12.71 -12.42 3.51
N ARG B 144 -12.28 -11.54 2.62
CA ARG B 144 -11.77 -11.91 1.28
C ARG B 144 -10.59 -10.99 1.00
N VAL B 145 -9.49 -11.60 0.60
CA VAL B 145 -8.19 -10.88 0.43
C VAL B 145 -7.81 -10.97 -1.03
N GLY B 146 -7.50 -9.84 -1.67
CA GLY B 146 -6.94 -9.85 -3.02
C GLY B 146 -5.42 -9.79 -2.96
N VAL B 147 -4.79 -10.69 -3.69
CA VAL B 147 -3.32 -10.79 -3.86
C VAL B 147 -2.99 -10.23 -5.24
N PHE B 148 -2.11 -9.24 -5.29
CA PHE B 148 -1.74 -8.47 -6.49
C PHE B 148 -0.23 -8.58 -6.68
N LEU B 149 0.14 -9.03 -7.85
CA LEU B 149 1.54 -9.19 -8.29
C LEU B 149 1.81 -8.32 -9.52
N ASP B 150 2.94 -7.64 -9.53
CA ASP B 150 3.45 -6.99 -10.77
C ASP B 150 4.88 -7.49 -10.89
N TYR B 151 5.11 -8.49 -11.75
CA TYR B 151 6.42 -9.17 -11.87
C TYR B 151 7.48 -8.15 -12.22
N GLU B 152 7.18 -7.32 -13.22
CA GLU B 152 8.20 -6.43 -13.82
C GLU B 152 8.69 -5.39 -12.80
N THR B 153 7.84 -4.93 -11.89
CA THR B 153 8.25 -3.85 -10.93
C THR B 153 8.54 -4.46 -9.55
N GLY B 154 8.44 -5.78 -9.40
CA GLY B 154 8.80 -6.40 -8.12
C GLY B 154 7.78 -6.09 -7.07
N GLU B 155 6.49 -6.06 -7.45
CA GLU B 155 5.44 -5.59 -6.52
C GLU B 155 4.51 -6.73 -6.09
N VAL B 156 4.32 -6.85 -4.79
CA VAL B 156 3.34 -7.79 -4.17
C VAL B 156 2.52 -7.00 -3.15
N SER B 157 1.22 -6.90 -3.40
CA SER B 157 0.31 -6.12 -2.53
C SER B 157 -0.97 -6.90 -2.25
N PHE B 158 -1.67 -6.48 -1.21
CA PHE B 158 -2.77 -7.24 -0.57
C PHE B 158 -3.82 -6.22 -0.18
N TYR B 159 -5.06 -6.55 -0.48
CA TYR B 159 -6.24 -5.69 -0.27
C TYR B 159 -7.35 -6.50 0.38
N ASN B 160 -8.26 -5.77 1.01
CA ASN B 160 -9.57 -6.29 1.43
C ASN B 160 -10.42 -6.27 0.17
N ALA B 161 -10.75 -7.44 -0.37
CA ALA B 161 -11.42 -7.55 -1.68
C ALA B 161 -12.90 -7.14 -1.60
N MET B 162 -13.47 -6.95 -0.41
CA MET B 162 -14.91 -6.57 -0.26
C MET B 162 -15.04 -5.05 -0.24
N ASP B 163 -14.14 -4.32 0.40
CA ASP B 163 -14.31 -2.85 0.59
C ASP B 163 -13.16 -2.08 -0.07
N GLY B 164 -12.17 -2.77 -0.67
CA GLY B 164 -11.08 -2.10 -1.43
C GLY B 164 -9.98 -1.52 -0.55
N SER B 165 -10.05 -1.68 0.77
CA SER B 165 -9.05 -1.06 1.67
C SER B 165 -7.71 -1.81 1.51
N HIS B 166 -6.62 -1.05 1.41
CA HIS B 166 -5.27 -1.62 1.28
C HIS B 166 -4.86 -2.29 2.59
N ILE B 167 -4.15 -3.41 2.52
CA ILE B 167 -3.61 -4.09 3.72
C ILE B 167 -2.10 -3.90 3.78
N TYR B 168 -1.37 -4.28 2.75
CA TYR B 168 0.12 -4.26 2.81
C TYR B 168 0.72 -4.28 1.40
N THR B 169 1.81 -3.55 1.21
CA THR B 169 2.64 -3.61 -0.02
C THR B 169 4.07 -3.88 0.45
N PHE B 170 4.68 -4.99 0.01
CA PHE B 170 6.12 -5.24 0.24
C PHE B 170 6.92 -4.12 -0.42
N PRO B 171 8.14 -3.82 0.03
CA PRO B 171 9.02 -2.97 -0.77
C PRO B 171 9.16 -3.59 -2.15
N HIS B 172 9.21 -2.73 -3.17
CA HIS B 172 9.50 -3.20 -4.53
C HIS B 172 10.84 -3.96 -4.48
N THR B 173 10.91 -5.07 -5.20
CA THR B 173 12.09 -5.96 -5.25
C THR B 173 12.42 -6.34 -6.69
N PHE B 174 13.33 -7.32 -6.81
CA PHE B 174 13.70 -8.01 -8.06
C PHE B 174 13.42 -9.49 -7.87
N PHE B 175 12.61 -10.07 -8.73
CA PHE B 175 12.24 -11.51 -8.62
C PHE B 175 13.24 -12.37 -9.38
N SER B 176 13.51 -13.55 -8.85
CA SER B 176 14.38 -14.55 -9.52
C SER B 176 13.49 -15.73 -9.92
N GLY B 177 13.22 -15.82 -11.22
CA GLY B 177 12.52 -16.98 -11.78
C GLY B 177 11.03 -16.87 -11.49
N PRO B 178 10.32 -18.00 -11.68
CA PRO B 178 8.86 -18.03 -11.59
C PRO B 178 8.41 -17.79 -10.16
N LEU B 179 7.22 -17.20 -10.04
CA LEU B 179 6.49 -16.97 -8.77
C LEU B 179 5.23 -17.84 -8.81
N TRP B 180 5.01 -18.55 -7.73
CA TRP B 180 3.83 -19.42 -7.51
C TRP B 180 2.96 -18.77 -6.48
N PRO B 181 1.62 -18.81 -6.65
CA PRO B 181 0.72 -18.58 -5.55
C PRO B 181 1.05 -19.56 -4.41
N VAL B 182 1.12 -19.07 -3.17
CA VAL B 182 1.40 -19.97 -2.01
C VAL B 182 0.40 -19.70 -0.90
N PHE B 183 0.07 -20.75 -0.18
CA PHE B 183 -0.96 -20.79 0.90
C PHE B 183 -0.39 -21.61 2.05
N ARG B 184 -0.60 -21.12 3.28
CA ARG B 184 -0.04 -21.72 4.49
C ARG B 184 -1.12 -21.63 5.55
N ILE B 185 -1.42 -22.76 6.19
CA ILE B 185 -2.26 -22.79 7.43
C ILE B 185 -1.58 -23.71 8.43
N LEU B 186 -1.52 -23.26 9.70
CA LEU B 186 -0.78 -24.02 10.75
C LEU B 186 -1.76 -24.72 11.67
N THR B 187 -3.02 -24.28 11.69
CA THR B 187 -3.96 -24.69 12.74
C THR B 187 -5.09 -25.52 12.14
N LEU B 188 -5.67 -26.30 13.03
CA LEU B 188 -6.89 -27.10 12.82
C LEU B 188 -8.04 -26.16 13.13
N GLU B 189 -8.96 -25.92 12.18
CA GLU B 189 -10.18 -25.17 12.56
C GLU B 189 -11.26 -25.24 11.48
N PRO B 190 -12.51 -24.87 11.84
CA PRO B 190 -13.68 -25.20 11.04
C PRO B 190 -13.69 -24.60 9.62
N THR B 191 -13.27 -23.34 9.47
CA THR B 191 -13.40 -22.56 8.22
C THR B 191 -12.19 -22.82 7.32
N ALA B 192 -12.44 -23.36 6.13
CA ALA B 192 -11.39 -23.65 5.13
C ALA B 192 -10.94 -22.33 4.49
N LEU B 193 -9.74 -22.29 3.91
CA LEU B 193 -9.40 -21.23 2.94
C LEU B 193 -10.01 -21.62 1.61
N THR B 194 -10.67 -20.71 0.87
CA THR B 194 -11.29 -21.02 -0.43
C THR B 194 -10.87 -20.00 -1.48
N ILE B 195 -10.27 -20.48 -2.55
CA ILE B 195 -9.91 -19.59 -3.69
C ILE B 195 -11.18 -19.17 -4.45
N CYS B 196 -11.40 -17.86 -4.62
CA CYS B 196 -12.41 -17.34 -5.58
C CYS B 196 -11.98 -17.59 -7.03
N PRO B 197 -12.86 -18.23 -7.84
CA PRO B 197 -12.63 -18.42 -9.26
C PRO B 197 -12.52 -17.09 -10.02
N ALA B 198 -11.74 -17.06 -11.09
CA ALA B 198 -11.46 -15.85 -11.90
C ALA B 198 -12.75 -15.11 -12.27
S SO4 C . -4.70 10.24 17.65
O1 SO4 C . -4.19 11.26 18.53
O2 SO4 C . -4.23 8.94 18.08
O3 SO4 C . -4.22 10.50 16.30
O4 SO4 C . -6.15 10.23 17.66
S SO4 D . -11.43 9.64 13.76
O1 SO4 D . -11.09 11.03 13.92
O2 SO4 D . -10.46 8.82 14.46
O3 SO4 D . -11.44 9.29 12.37
O4 SO4 D . -12.75 9.41 14.31
S SO4 E . 0.43 5.85 17.75
O1 SO4 E . 1.70 6.32 17.25
O2 SO4 E . -0.02 6.73 18.81
O3 SO4 E . -0.54 5.84 16.69
O4 SO4 E . 0.57 4.51 18.25
C1 DMA F . 5.72 -21.56 11.46
O1 DMA F . 6.94 -20.85 11.27
C2 DMA F . 5.85 -22.97 10.92
C3 DMA F . 5.54 -24.09 11.55
C4 DMA F . 5.14 -25.35 10.80
C5 DMA F . 5.61 -24.24 13.05
PA DMA F . 7.45 -19.77 12.37
O1A DMA F . 7.20 -20.28 13.76
O2A DMA F . 8.84 -19.34 12.00
O3A DMA F . 6.45 -18.54 12.21
PB DMA F . 6.08 -17.43 11.13
O1B DMA F . 6.75 -16.14 11.57
O2B DMA F . 4.55 -17.40 11.27
O3B DMA F . 6.64 -17.92 9.78
#